data_7YY5
#
_entry.id   7YY5
#
_cell.length_a   75.772
_cell.length_b   125.286
_cell.length_c   119.386
_cell.angle_alpha   90.000
_cell.angle_beta   90.000
_cell.angle_gamma   90.000
#
_symmetry.space_group_name_H-M   'C 2 2 21'
#
loop_
_entity.id
_entity.type
_entity.pdbx_description
1 polymer 'Phosphopantetheine adenylyltransferase'
2 non-polymer '2-naphthalen-2-ylethanoic acid'
3 water water
#
_entity_poly.entity_id   1
_entity_poly.type   'polypeptide(L)'
_entity_poly.pdbx_seq_one_letter_code
;SMTGAVCPGSFDPVTLGHLDVFERAAAQFDEVIVAVLINPNKAGMFTVDERIEMIRESTADLPNLRVESGQGLLVDFVRE
RGLNAIVKGLRTGTDFEYELQMAQMNKHIAGVDTFFVATAPAYSFVSSSLAKEVATYGGDVSALLPASVHQRLLGKLRGQ
AQ
;
_entity_poly.pdbx_strand_id   A,B,C
#
# COMPACT_ATOMS: atom_id res chain seq x y z
N SER A 1 2.92 2.50 38.03
CA SER A 1 1.75 2.15 38.82
C SER A 1 0.71 1.38 38.01
N MET A 2 -0.55 1.43 38.46
CA MET A 2 -1.62 0.53 38.00
C MET A 2 -1.85 0.50 36.49
N THR A 3 -2.41 1.57 35.91
CA THR A 3 -2.74 1.55 34.49
C THR A 3 -1.48 1.67 33.62
N GLY A 4 -1.57 1.22 32.38
CA GLY A 4 -0.38 1.23 31.55
C GLY A 4 -0.68 0.93 30.11
N ALA A 5 0.20 1.45 29.23
CA ALA A 5 0.07 1.21 27.80
C ALA A 5 1.43 1.08 27.14
N VAL A 6 1.42 0.38 26.01
CA VAL A 6 2.63 0.23 25.19
C VAL A 6 2.46 1.00 23.88
N CYS A 7 3.47 1.80 23.56
CA CYS A 7 3.53 2.55 22.31
CA CYS A 7 3.51 2.53 22.31
C CYS A 7 4.56 1.90 21.40
N PRO A 8 4.12 1.14 20.39
CA PRO A 8 5.02 0.38 19.53
C PRO A 8 5.42 1.09 18.24
N GLY A 9 6.58 0.71 17.73
CA GLY A 9 7.03 1.15 16.43
C GLY A 9 8.45 0.71 16.15
N SER A 10 8.93 0.97 14.94
CA SER A 10 10.33 0.71 14.64
CA SER A 10 10.33 0.74 14.59
C SER A 10 11.19 1.91 15.02
N PHE A 11 10.61 3.11 15.03
CA PHE A 11 11.27 4.34 15.46
C PHE A 11 12.67 4.48 14.88
N ASP A 12 12.72 4.45 13.55
CA ASP A 12 13.98 4.40 12.81
C ASP A 12 14.10 5.56 11.80
N PRO A 13 14.18 6.81 12.29
CA PRO A 13 14.21 7.31 13.67
C PRO A 13 12.87 7.76 14.19
N VAL A 14 12.80 7.97 15.49
CA VAL A 14 11.66 8.62 16.11
C VAL A 14 11.44 10.02 15.52
N THR A 15 10.18 10.39 15.33
CA THR A 15 9.80 11.71 14.81
C THR A 15 9.05 12.52 15.85
N LEU A 16 8.80 13.81 15.57
CA LEU A 16 8.01 14.62 16.48
C LEU A 16 6.56 14.13 16.54
N GLY A 17 6.09 13.47 15.49
CA GLY A 17 4.77 12.87 15.53
C GLY A 17 4.69 11.75 16.56
N HIS A 18 5.73 10.93 16.61
CA HIS A 18 5.79 9.88 17.63
C HIS A 18 5.85 10.47 19.03
N LEU A 19 6.70 11.48 19.21
CA LEU A 19 6.87 12.09 20.52
C LEU A 19 5.55 12.66 21.02
N ASP A 20 4.79 13.29 20.13
CA ASP A 20 3.48 13.79 20.49
C ASP A 20 2.61 12.68 21.07
N VAL A 21 2.61 11.53 20.41
CA VAL A 21 1.84 10.39 20.87
C VAL A 21 2.34 9.88 22.23
N PHE A 22 3.66 9.76 22.40
CA PHE A 22 4.22 9.36 23.70
C PHE A 22 3.76 10.28 24.83
N GLU A 23 3.82 11.58 24.59
CA GLU A 23 3.44 12.57 25.59
C GLU A 23 1.96 12.44 25.95
N ARG A 24 1.14 12.17 24.95
CA ARG A 24 -0.29 12.08 25.21
C ARG A 24 -0.62 10.78 25.94
N ALA A 25 0.06 9.69 25.60
CA ALA A 25 -0.11 8.46 26.35
C ALA A 25 0.37 8.61 27.80
N ALA A 26 1.53 9.25 27.98
CA ALA A 26 2.08 9.39 29.33
C ALA A 26 1.22 10.28 30.22
N ALA A 27 0.40 11.14 29.62
CA ALA A 27 -0.48 12.00 30.37
C ALA A 27 -1.73 11.23 30.81
N GLN A 28 -2.03 10.10 30.17
CA GLN A 28 -3.32 9.42 30.40
C GLN A 28 -3.19 8.03 31.02
N PHE A 29 -1.98 7.50 31.11
CA PHE A 29 -1.73 6.18 31.70
C PHE A 29 -0.66 6.31 32.79
N ASP A 30 -0.73 5.48 33.83
CA ASP A 30 0.26 5.59 34.89
C ASP A 30 1.68 5.27 34.41
N GLU A 31 1.80 4.28 33.54
CA GLU A 31 3.10 3.99 32.95
C GLU A 31 2.97 3.79 31.45
N VAL A 32 4.01 4.18 30.72
CA VAL A 32 4.06 3.97 29.29
C VAL A 32 5.39 3.30 28.94
N ILE A 33 5.31 2.27 28.12
CA ILE A 33 6.51 1.63 27.58
C ILE A 33 6.55 1.83 26.08
N VAL A 34 7.62 2.48 25.62
CA VAL A 34 7.86 2.61 24.19
C VAL A 34 8.55 1.33 23.74
N ALA A 35 7.92 0.59 22.86
CA ALA A 35 8.42 -0.71 22.42
C ALA A 35 9.07 -0.56 21.04
N VAL A 36 10.39 -0.70 21.00
CA VAL A 36 11.15 -0.54 19.78
C VAL A 36 11.30 -1.90 19.13
N LEU A 37 10.59 -2.10 18.02
CA LEU A 37 10.69 -3.33 17.24
C LEU A 37 11.95 -3.43 16.41
N ILE A 38 12.65 -4.54 16.57
CA ILE A 38 13.85 -4.81 15.80
C ILE A 38 13.60 -6.05 14.97
N ASN A 39 13.81 -5.94 13.67
CA ASN A 39 13.69 -7.11 12.81
C ASN A 39 15.04 -7.79 12.74
N PRO A 40 15.14 -9.02 13.27
CA PRO A 40 16.46 -9.68 13.30
C PRO A 40 16.96 -9.99 11.90
N ASN A 41 16.10 -9.83 10.90
CA ASN A 41 16.45 -10.15 9.52
C ASN A 41 16.70 -8.94 8.62
N LYS A 42 16.47 -7.73 9.14
CA LYS A 42 16.77 -6.53 8.36
C LYS A 42 17.16 -5.35 9.24
N ALA A 43 18.41 -4.90 9.10
CA ALA A 43 18.89 -3.75 9.85
C ALA A 43 18.22 -2.49 9.32
N GLY A 44 17.79 -1.63 10.23
CA GLY A 44 17.28 -0.34 9.81
C GLY A 44 18.45 0.60 9.58
N MET A 45 18.15 1.89 9.50
CA MET A 45 19.22 2.88 9.43
C MET A 45 20.00 3.01 10.73
N PHE A 46 19.29 2.90 11.85
CA PHE A 46 19.89 3.05 13.17
C PHE A 46 19.85 1.74 13.93
N THR A 47 20.90 1.49 14.69
CA THR A 47 20.94 0.27 15.51
C THR A 47 19.96 0.44 16.67
N VAL A 48 19.71 -0.65 17.37
CA VAL A 48 18.76 -0.59 18.52
C VAL A 48 19.25 0.42 19.57
N ASP A 49 20.54 0.44 19.86
CA ASP A 49 21.04 1.36 20.89
C ASP A 49 20.81 2.80 20.44
N GLU A 50 21.04 3.06 19.17
CA GLU A 50 20.88 4.42 18.66
C GLU A 50 19.41 4.84 18.72
N ARG A 51 18.52 3.94 18.33
CA ARG A 51 17.10 4.27 18.36
C ARG A 51 16.64 4.58 19.78
N ILE A 52 17.07 3.77 20.74
CA ILE A 52 16.66 3.94 22.12
C ILE A 52 17.22 5.25 22.70
N GLU A 53 18.48 5.54 22.39
CA GLU A 53 19.12 6.78 22.85
C GLU A 53 18.38 8.00 22.32
N MET A 54 18.02 7.96 21.04
CA MET A 54 17.31 9.11 20.48
C MET A 54 15.95 9.33 21.13
N ILE A 55 15.25 8.25 21.47
CA ILE A 55 13.97 8.39 22.16
C ILE A 55 14.14 8.88 23.60
N ARG A 56 15.14 8.35 24.31
CA ARG A 56 15.33 8.74 25.70
C ARG A 56 15.67 10.22 25.81
N GLU A 57 16.55 10.68 24.94
CA GLU A 57 16.97 12.07 24.97
C GLU A 57 15.82 13.04 24.71
N SER A 58 14.80 12.61 23.98
CA SER A 58 13.70 13.50 23.69
C SER A 58 12.46 13.22 24.56
N THR A 59 12.59 12.31 25.53
CA THR A 59 11.49 12.03 26.48
C THR A 59 11.92 12.19 27.95
N ALA A 60 13.00 12.92 28.18
CA ALA A 60 13.54 13.10 29.53
C ALA A 60 12.55 13.76 30.48
N ASP A 61 11.61 14.53 29.92
CA ASP A 61 10.61 15.24 30.72
C ASP A 61 9.40 14.36 31.05
N LEU A 62 9.43 13.10 30.65
CA LEU A 62 8.31 12.19 30.92
C LEU A 62 8.71 11.10 31.92
N PRO A 63 8.48 11.37 33.21
CA PRO A 63 9.01 10.49 34.25
C PRO A 63 8.40 9.09 34.25
N ASN A 64 7.21 8.93 33.69
CA ASN A 64 6.55 7.63 33.73
C ASN A 64 6.68 6.85 32.44
N LEU A 65 7.59 7.27 31.58
CA LEU A 65 7.84 6.59 30.32
C LEU A 65 9.19 5.87 30.35
N ARG A 66 9.22 4.64 29.87
CA ARG A 66 10.48 3.95 29.64
C ARG A 66 10.53 3.31 28.26
N VAL A 67 11.73 2.95 27.84
CA VAL A 67 11.96 2.48 26.46
C VAL A 67 12.62 1.12 26.45
N GLU A 68 12.04 0.18 25.74
CA GLU A 68 12.56 -1.19 25.67
C GLU A 68 12.44 -1.72 24.25
N SER A 69 13.40 -2.52 23.81
CA SER A 69 13.26 -3.16 22.51
C SER A 69 12.69 -4.57 22.60
N GLY A 70 12.23 -5.07 21.46
CA GLY A 70 11.73 -6.43 21.38
C GLY A 70 11.58 -6.88 19.94
N GLN A 71 11.09 -8.09 19.78
CA GLN A 71 10.83 -8.64 18.45
C GLN A 71 9.71 -9.66 18.57
N GLY A 72 9.25 -10.19 17.45
CA GLY A 72 8.17 -11.17 17.48
C GLY A 72 6.81 -10.52 17.66
N LEU A 73 5.90 -11.21 18.33
CA LEU A 73 4.55 -10.69 18.51
C LEU A 73 4.46 -9.57 19.54
N LEU A 74 3.88 -8.45 19.13
CA LEU A 74 3.68 -7.33 20.04
C LEU A 74 2.86 -7.72 21.28
N VAL A 75 1.81 -8.51 21.06
CA VAL A 75 0.98 -8.89 22.20
C VAL A 75 1.75 -9.68 23.27
N ASP A 76 2.80 -10.40 22.90
CA ASP A 76 3.61 -11.08 23.91
C ASP A 76 4.44 -10.07 24.72
N PHE A 77 4.99 -9.09 24.03
CA PHE A 77 5.71 -8.01 24.70
C PHE A 77 4.80 -7.28 25.71
N VAL A 78 3.56 -7.02 25.31
CA VAL A 78 2.61 -6.30 26.16
C VAL A 78 2.22 -7.16 27.37
N ARG A 79 1.83 -8.40 27.12
CA ARG A 79 1.35 -9.27 28.21
C ARG A 79 2.45 -9.67 29.19
N GLU A 80 3.67 -9.84 28.68
CA GLU A 80 4.74 -10.25 29.60
C GLU A 80 5.09 -9.11 30.59
N ARG A 81 4.59 -7.91 30.33
CA ARG A 81 4.78 -6.79 31.24
C ARG A 81 3.54 -6.51 32.08
N GLY A 82 2.57 -7.41 31.99
CA GLY A 82 1.36 -7.31 32.78
C GLY A 82 0.40 -6.23 32.33
N LEU A 83 0.53 -5.82 31.07
CA LEU A 83 -0.34 -4.81 30.50
C LEU A 83 -1.24 -5.43 29.45
N ASN A 84 -2.25 -4.68 28.99
CA ASN A 84 -3.22 -5.15 28.04
CA ASN A 84 -3.05 -5.20 27.89
C ASN A 84 -3.65 -4.08 27.04
N ALA A 85 -2.86 -3.02 26.88
CA ALA A 85 -3.21 -1.90 26.02
C ALA A 85 -2.04 -1.44 25.18
N ILE A 86 -2.36 -1.17 23.91
CA ILE A 86 -1.49 -0.57 22.91
C ILE A 86 -2.02 0.84 22.60
N VAL A 87 -1.15 1.83 22.53
CA VAL A 87 -1.55 3.17 22.02
C VAL A 87 -0.74 3.47 20.77
N LYS A 88 -1.44 3.81 19.69
CA LYS A 88 -0.85 4.03 18.37
C LYS A 88 -1.38 5.33 17.77
N GLY A 89 -0.53 6.11 17.13
CA GLY A 89 -0.98 7.32 16.45
C GLY A 89 -1.50 7.03 15.04
N LEU A 90 -2.48 7.79 14.61
CA LEU A 90 -3.09 7.59 13.26
C LEU A 90 -3.20 8.91 12.55
N ARG A 91 -2.94 8.90 11.25
CA ARG A 91 -3.03 10.12 10.42
C ARG A 91 -4.30 10.08 9.54
N THR A 92 -4.62 8.93 8.92
CA THR A 92 -5.72 8.96 7.94
C THR A 92 -6.69 7.80 8.09
N GLY A 93 -7.77 7.84 7.32
CA GLY A 93 -8.73 6.76 7.26
C GLY A 93 -8.10 5.48 6.73
N THR A 94 -7.14 5.63 5.82
CA THR A 94 -6.38 4.49 5.32
C THR A 94 -5.52 3.89 6.43
N ASP A 95 -4.90 4.76 7.22
CA ASP A 95 -4.19 4.33 8.43
C ASP A 95 -5.13 3.47 9.28
N PHE A 96 -6.34 3.95 9.48
CA PHE A 96 -7.26 3.28 10.40
C PHE A 96 -7.59 1.86 9.95
N GLU A 97 -7.86 1.65 8.65
CA GLU A 97 -8.31 0.34 8.06
C GLU A 97 -7.28 -0.80 8.20
N TYR A 98 -6.01 -0.56 7.95
CA TYR A 98 -5.01 -1.61 8.09
C TYR A 98 -4.63 -1.84 9.56
N GLU A 99 -4.55 -0.76 10.33
CA GLU A 99 -4.31 -0.88 11.77
C GLU A 99 -5.50 -1.54 12.45
N LEU A 100 -6.70 -1.31 11.92
CA LEU A 100 -7.91 -1.96 12.38
C LEU A 100 -7.75 -3.48 12.33
N GLN A 101 -7.28 -4.00 11.20
CA GLN A 101 -7.10 -5.44 11.03
C GLN A 101 -6.17 -5.97 12.13
N MET A 102 -5.05 -5.29 12.33
CA MET A 102 -4.09 -5.78 13.31
C MET A 102 -4.62 -5.66 14.74
N ALA A 103 -5.38 -4.59 15.03
CA ALA A 103 -5.96 -4.43 16.36
C ALA A 103 -6.96 -5.53 16.65
N GLN A 104 -7.80 -5.85 15.68
CA GLN A 104 -8.78 -6.93 15.91
C GLN A 104 -8.09 -8.29 16.02
N MET A 105 -7.05 -8.51 15.23
CA MET A 105 -6.29 -9.76 15.40
C MET A 105 -5.65 -9.83 16.78
N ASN A 106 -5.05 -8.74 17.24
CA ASN A 106 -4.38 -8.71 18.55
C ASN A 106 -5.35 -8.93 19.71
N LYS A 107 -6.54 -8.38 19.62
CA LYS A 107 -7.58 -8.63 20.61
C LYS A 107 -8.01 -10.11 20.57
N HIS A 108 -8.17 -10.64 19.36
CA HIS A 108 -8.57 -12.04 19.19
C HIS A 108 -7.57 -13.00 19.82
N ILE A 109 -6.28 -12.80 19.56
CA ILE A 109 -5.31 -13.81 19.98
C ILE A 109 -4.81 -13.62 21.40
N ALA A 110 -4.98 -12.43 21.98
CA ALA A 110 -4.36 -12.15 23.27
C ALA A 110 -5.16 -11.26 24.20
N GLY A 111 -6.31 -10.79 23.75
CA GLY A 111 -7.17 -9.95 24.58
C GLY A 111 -6.59 -8.58 24.84
N VAL A 112 -5.63 -8.17 24.01
CA VAL A 112 -5.01 -6.86 24.14
C VAL A 112 -5.78 -5.81 23.36
N ASP A 113 -6.09 -4.70 24.00
CA ASP A 113 -6.84 -3.61 23.36
C ASP A 113 -5.92 -2.61 22.69
N THR A 114 -6.42 -1.92 21.68
CA THR A 114 -5.64 -0.90 21.00
C THR A 114 -6.40 0.40 21.02
N PHE A 115 -5.74 1.46 21.47
CA PHE A 115 -6.31 2.80 21.43
C PHE A 115 -5.56 3.63 20.43
N PHE A 116 -6.30 4.29 19.53
CA PHE A 116 -5.69 5.11 18.49
C PHE A 116 -5.83 6.57 18.85
N VAL A 117 -4.82 7.38 18.56
CA VAL A 117 -4.97 8.81 18.75
CA VAL A 117 -4.90 8.81 18.78
C VAL A 117 -4.55 9.55 17.48
N ALA A 118 -5.34 10.59 17.17
CA ALA A 118 -5.08 11.43 16.03
C ALA A 118 -3.80 12.23 16.24
N THR A 119 -2.88 12.19 15.28
CA THR A 119 -1.64 12.95 15.46
C THR A 119 -1.95 14.44 15.42
N ALA A 120 -1.09 15.25 16.02
CA ALA A 120 -1.20 16.71 15.97
C ALA A 120 -1.14 17.14 14.53
N PRO A 121 -1.93 18.15 14.16
CA PRO A 121 -1.93 18.59 12.76
C PRO A 121 -0.54 18.92 12.21
N ALA A 122 0.31 19.60 12.98
CA ALA A 122 1.63 20.01 12.51
C ALA A 122 2.52 18.84 12.09
N TYR A 123 2.16 17.63 12.53
CA TYR A 123 2.93 16.43 12.18
C TYR A 123 2.17 15.44 11.34
N SER A 124 1.04 15.84 10.80
CA SER A 124 0.22 14.92 10.01
C SER A 124 1.00 14.33 8.84
N PHE A 125 2.11 14.94 8.43
CA PHE A 125 2.75 14.49 7.20
C PHE A 125 4.16 13.94 7.39
N VAL A 126 4.67 13.91 8.61
CA VAL A 126 5.99 13.30 8.79
C VAL A 126 5.80 11.81 9.11
N SER A 127 6.67 11.01 8.50
CA SER A 127 6.84 9.62 8.87
C SER A 127 8.35 9.39 8.88
N SER A 128 8.79 8.36 9.58
CA SER A 128 10.22 8.03 9.56
C SER A 128 10.71 7.83 8.14
N SER A 129 9.94 7.10 7.35
CA SER A 129 10.35 6.75 5.99
CA SER A 129 10.36 6.76 5.99
C SER A 129 10.44 7.98 5.06
N LEU A 130 9.43 8.84 5.14
CA LEU A 130 9.47 10.03 4.27
C LEU A 130 10.54 11.01 4.72
N ALA A 131 10.76 11.10 6.03
CA ALA A 131 11.83 11.96 6.54
C ALA A 131 13.20 11.48 6.03
N LYS A 132 13.41 10.17 6.07
CA LYS A 132 14.68 9.61 5.59
C LYS A 132 14.83 9.85 4.09
N GLU A 133 13.76 9.64 3.33
CA GLU A 133 13.84 9.81 1.87
C GLU A 133 14.11 11.26 1.49
N VAL A 134 13.44 12.19 2.16
CA VAL A 134 13.64 13.61 1.85
C VAL A 134 15.04 14.03 2.24
N ALA A 135 15.51 13.60 3.41
CA ALA A 135 16.85 13.97 3.87
C ALA A 135 17.91 13.37 2.94
N THR A 136 17.64 12.20 2.40
CA THR A 136 18.59 11.52 1.52
C THR A 136 18.94 12.39 0.33
N TYR A 137 17.95 13.09 -0.19
CA TYR A 137 18.15 13.93 -1.35
C TYR A 137 18.26 15.41 -0.97
N GLY A 138 18.55 15.66 0.30
CA GLY A 138 18.92 16.99 0.76
C GLY A 138 17.85 17.95 1.24
N GLY A 139 16.61 17.49 1.37
CA GLY A 139 15.55 18.36 1.87
C GLY A 139 15.63 18.62 3.36
N ASP A 140 15.08 19.76 3.80
CA ASP A 140 15.18 20.20 5.19
C ASP A 140 14.05 19.64 6.09
N VAL A 141 14.40 18.66 6.91
CA VAL A 141 13.42 18.01 7.79
C VAL A 141 13.69 18.34 9.27
N SER A 142 14.47 19.38 9.49
CA SER A 142 14.87 19.75 10.85
C SER A 142 13.70 20.06 11.80
N ALA A 143 12.60 20.57 11.26
CA ALA A 143 11.48 20.94 12.11
C ALA A 143 10.55 19.78 12.38
N LEU A 144 10.88 18.61 11.86
CA LEU A 144 9.99 17.45 11.95
C LEU A 144 10.53 16.37 12.88
N LEU A 145 11.80 16.53 13.26
CA LEU A 145 12.51 15.56 14.09
C LEU A 145 13.03 16.25 15.35
N PRO A 146 13.09 15.51 16.47
CA PRO A 146 13.71 16.09 17.67
C PRO A 146 15.19 16.38 17.44
N ALA A 147 15.76 17.25 18.27
CA ALA A 147 17.17 17.57 18.20
C ALA A 147 18.05 16.33 18.36
N SER A 148 17.55 15.35 19.12
CA SER A 148 18.30 14.12 19.35
C SER A 148 18.49 13.30 18.07
N VAL A 149 17.75 13.64 17.03
CA VAL A 149 17.74 12.85 15.80
C VAL A 149 18.36 13.50 14.57
N HIS A 150 18.06 14.78 14.33
CA HIS A 150 18.30 15.39 13.03
C HIS A 150 19.74 15.27 12.53
N GLN A 151 20.68 15.68 13.36
CA GLN A 151 22.06 15.66 12.90
C GLN A 151 22.62 14.22 12.91
N ARG A 152 22.11 13.35 13.77
CA ARG A 152 22.50 11.94 13.68
C ARG A 152 22.03 11.33 12.37
N LEU A 153 20.84 11.71 11.92
CA LEU A 153 20.34 11.30 10.62
C LEU A 153 21.25 11.79 9.47
N LEU A 154 21.62 13.07 9.53
CA LEU A 154 22.44 13.61 8.46
C LEU A 154 23.80 12.90 8.45
N GLY A 155 24.29 12.56 9.63
CA GLY A 155 25.54 11.83 9.75
C GLY A 155 25.47 10.45 9.11
N LYS A 156 24.40 9.72 9.37
CA LYS A 156 24.17 8.42 8.73
C LYS A 156 24.19 8.55 7.22
N LEU A 157 23.54 9.59 6.70
CA LEU A 157 23.42 9.75 5.26
C LEU A 157 24.75 10.16 4.63
N ARG A 158 25.59 10.83 5.41
CA ARG A 158 26.90 11.25 4.89
C ARG A 158 27.99 10.27 5.26
N MET B 2 4.17 35.46 -15.66
CA MET B 2 4.39 34.12 -16.19
C MET B 2 4.11 33.05 -15.13
N THR B 3 3.03 32.29 -15.33
CA THR B 3 2.65 31.23 -14.43
C THR B 3 3.16 29.90 -14.96
N GLY B 4 3.23 28.88 -14.11
CA GLY B 4 3.77 27.62 -14.55
C GLY B 4 3.65 26.48 -13.56
N ALA B 5 3.67 25.26 -14.08
CA ALA B 5 3.60 24.08 -13.22
C ALA B 5 4.38 22.91 -13.79
N VAL B 6 4.79 22.01 -12.89
CA VAL B 6 5.51 20.81 -13.27
C VAL B 6 4.61 19.59 -13.09
N CYS B 7 4.57 18.71 -14.09
CA CYS B 7 3.83 17.47 -13.99
CA CYS B 7 3.81 17.46 -14.02
C CYS B 7 4.79 16.29 -13.94
N PRO B 8 4.98 15.71 -12.75
CA PRO B 8 5.99 14.67 -12.56
C PRO B 8 5.50 13.24 -12.74
N GLY B 9 6.42 12.36 -13.08
CA GLY B 9 6.09 10.94 -13.17
C GLY B 9 7.21 10.13 -13.77
N SER B 10 7.00 8.82 -13.83
CA SER B 10 7.93 7.97 -14.53
C SER B 10 7.48 7.77 -15.99
N PHE B 11 6.16 7.81 -16.22
CA PHE B 11 5.58 7.69 -17.57
C PHE B 11 6.19 6.55 -18.39
N ASP B 12 6.02 5.32 -17.88
CA ASP B 12 6.65 4.14 -18.45
C ASP B 12 5.63 3.06 -18.85
N PRO B 13 4.82 3.30 -19.88
CA PRO B 13 4.75 4.47 -20.76
C PRO B 13 3.67 5.46 -20.37
N VAL B 14 3.72 6.64 -20.99
CA VAL B 14 2.66 7.62 -20.83
C VAL B 14 1.33 7.02 -21.30
N THR B 15 0.26 7.28 -20.53
CA THR B 15 -1.08 6.81 -20.87
C THR B 15 -1.98 7.96 -21.26
N LEU B 16 -3.18 7.64 -21.73
CA LEU B 16 -4.15 8.70 -21.99
C LEU B 16 -4.62 9.41 -20.73
N GLY B 17 -4.49 8.74 -19.58
CA GLY B 17 -4.79 9.41 -18.32
C GLY B 17 -3.81 10.52 -18.04
N HIS B 18 -2.52 10.24 -18.27
CA HIS B 18 -1.49 11.25 -18.14
C HIS B 18 -1.72 12.39 -19.10
N LEU B 19 -2.01 12.05 -20.35
CA LEU B 19 -2.16 13.06 -21.40
C LEU B 19 -3.30 14.02 -21.04
N ASP B 20 -4.38 13.46 -20.49
CA ASP B 20 -5.50 14.28 -20.09
C ASP B 20 -5.08 15.32 -19.03
N VAL B 21 -4.28 14.89 -18.05
CA VAL B 21 -3.75 15.83 -17.07
C VAL B 21 -2.85 16.89 -17.73
N PHE B 22 -1.96 16.45 -18.63
CA PHE B 22 -1.07 17.39 -19.32
C PHE B 22 -1.86 18.48 -20.04
N GLU B 23 -2.91 18.06 -20.75
CA GLU B 23 -3.74 18.99 -21.52
C GLU B 23 -4.44 19.98 -20.62
N ARG B 24 -4.93 19.51 -19.48
CA ARG B 24 -5.63 20.44 -18.56
C ARG B 24 -4.63 21.40 -17.92
N ALA B 25 -3.46 20.91 -17.55
CA ALA B 25 -2.46 21.82 -17.02
C ALA B 25 -2.03 22.86 -18.03
N ALA B 26 -1.82 22.42 -19.28
CA ALA B 26 -1.38 23.34 -20.32
C ALA B 26 -2.43 24.40 -20.62
N ALA B 27 -3.70 24.06 -20.39
CA ALA B 27 -4.78 25.01 -20.64
C ALA B 27 -4.88 26.09 -19.55
N GLN B 28 -4.30 25.85 -18.39
CA GLN B 28 -4.48 26.74 -17.25
C GLN B 28 -3.23 27.46 -16.77
N PHE B 29 -2.05 27.04 -17.23
CA PHE B 29 -0.77 27.64 -16.83
C PHE B 29 0.00 28.12 -18.05
N ASP B 30 0.76 29.22 -17.93
CA ASP B 30 1.46 29.77 -19.09
C ASP B 30 2.52 28.79 -19.60
N GLU B 31 3.17 28.06 -18.70
CA GLU B 31 4.08 27.01 -19.10
C GLU B 31 3.89 25.75 -18.23
N VAL B 32 4.09 24.60 -18.85
CA VAL B 32 4.06 23.32 -18.16
C VAL B 32 5.33 22.56 -18.51
N ILE B 33 5.94 21.97 -17.50
CA ILE B 33 7.08 21.09 -17.72
C ILE B 33 6.72 19.71 -17.25
N VAL B 34 6.77 18.73 -18.15
CA VAL B 34 6.59 17.35 -17.76
C VAL B 34 7.95 16.86 -17.33
N ALA B 35 8.03 16.39 -16.08
CA ALA B 35 9.31 15.96 -15.51
C ALA B 35 9.36 14.45 -15.42
N VAL B 36 10.25 13.85 -16.21
CA VAL B 36 10.39 12.41 -16.31
C VAL B 36 11.49 11.92 -15.41
N LEU B 37 11.15 11.06 -14.46
CA LEU B 37 12.12 10.58 -13.47
C LEU B 37 13.13 9.61 -14.06
N ILE B 38 14.41 9.91 -13.81
CA ILE B 38 15.50 8.98 -14.05
C ILE B 38 15.74 8.20 -12.76
N ASN B 39 15.57 6.88 -12.80
CA ASN B 39 15.80 6.06 -11.61
C ASN B 39 16.89 5.02 -11.83
N PRO B 40 18.01 5.16 -11.12
CA PRO B 40 19.18 4.28 -11.23
C PRO B 40 18.87 2.84 -10.85
N ASN B 41 18.06 2.65 -9.82
CA ASN B 41 17.72 1.30 -9.36
C ASN B 41 16.79 0.58 -10.32
N LYS B 42 15.48 0.76 -10.13
CA LYS B 42 14.48 0.08 -10.95
C LYS B 42 14.42 0.64 -12.37
N ALA B 43 15.10 -0.04 -13.29
CA ALA B 43 14.98 0.28 -14.71
C ALA B 43 13.69 -0.36 -15.25
N GLY B 44 12.83 0.47 -15.84
CA GLY B 44 11.54 0.01 -16.30
C GLY B 44 11.56 -0.61 -17.69
N MET B 45 10.47 -0.45 -18.41
CA MET B 45 10.35 -1.02 -19.74
C MET B 45 11.01 -0.16 -20.81
N PHE B 46 10.77 1.14 -20.73
CA PHE B 46 11.31 2.07 -21.71
C PHE B 46 12.42 2.92 -21.11
N THR B 47 13.43 3.23 -21.92
CA THR B 47 14.50 4.13 -21.50
C THR B 47 13.94 5.53 -21.29
N VAL B 48 14.68 6.39 -20.59
CA VAL B 48 14.21 7.76 -20.39
C VAL B 48 14.01 8.46 -21.74
N ASP B 49 14.90 8.23 -22.69
CA ASP B 49 14.78 8.88 -24.00
C ASP B 49 13.53 8.42 -24.75
N GLU B 50 13.25 7.13 -24.69
CA GLU B 50 12.04 6.61 -25.31
C GLU B 50 10.78 7.22 -24.66
N ARG B 51 10.81 7.33 -23.33
CA ARG B 51 9.67 7.90 -22.59
C ARG B 51 9.45 9.36 -22.98
N ILE B 52 10.52 10.14 -23.07
CA ILE B 52 10.43 11.53 -23.49
C ILE B 52 9.88 11.65 -24.90
N GLU B 53 10.35 10.80 -25.80
CA GLU B 53 9.88 10.85 -27.17
C GLU B 53 8.40 10.51 -27.27
N MET B 54 7.95 9.53 -26.48
CA MET B 54 6.54 9.18 -26.51
C MET B 54 5.67 10.31 -25.99
N ILE B 55 6.14 11.01 -24.96
CA ILE B 55 5.39 12.15 -24.44
C ILE B 55 5.36 13.30 -25.48
N ARG B 56 6.49 13.59 -26.10
CA ARG B 56 6.55 14.66 -27.09
C ARG B 56 5.63 14.36 -28.27
N GLU B 57 5.62 13.11 -28.75
CA GLU B 57 4.67 12.79 -29.82
C GLU B 57 3.24 13.05 -29.39
N SER B 58 2.90 12.69 -28.15
CA SER B 58 1.52 12.78 -27.69
C SER B 58 1.08 14.20 -27.35
N THR B 59 2.07 15.10 -27.16
CA THR B 59 1.78 16.47 -26.73
C THR B 59 2.18 17.48 -27.82
N ALA B 60 2.30 17.01 -29.05
CA ALA B 60 2.71 17.86 -30.16
C ALA B 60 1.87 19.13 -30.31
N ASP B 61 0.59 19.08 -29.93
CA ASP B 61 -0.29 20.24 -30.03
C ASP B 61 -0.36 21.11 -28.78
N LEU B 62 0.57 20.89 -27.85
CA LEU B 62 0.65 21.71 -26.64
C LEU B 62 1.92 22.56 -26.66
N PRO B 63 1.84 23.78 -27.23
CA PRO B 63 3.09 24.51 -27.48
C PRO B 63 3.75 25.04 -26.21
N ASN B 64 2.98 25.18 -25.13
CA ASN B 64 3.51 25.71 -23.88
C ASN B 64 3.93 24.62 -22.92
N LEU B 65 3.95 23.39 -23.40
CA LEU B 65 4.38 22.25 -22.59
C LEU B 65 5.71 21.72 -23.12
N ARG B 66 6.66 21.50 -22.23
CA ARG B 66 7.91 20.87 -22.65
C ARG B 66 8.24 19.71 -21.76
N VAL B 67 9.07 18.80 -22.26
CA VAL B 67 9.39 17.56 -21.56
C VAL B 67 10.86 17.54 -21.19
N GLU B 68 11.17 17.24 -19.92
CA GLU B 68 12.53 17.19 -19.42
C GLU B 68 12.69 16.05 -18.43
N SER B 69 13.91 15.58 -18.25
CA SER B 69 14.15 14.50 -17.31
C SER B 69 14.92 15.03 -16.11
N GLY B 70 14.86 14.30 -15.01
CA GLY B 70 15.60 14.68 -13.84
C GLY B 70 15.58 13.59 -12.80
N GLN B 71 16.24 13.85 -11.69
CA GLN B 71 16.21 12.91 -10.58
C GLN B 71 16.46 13.64 -9.28
N GLY B 72 16.38 12.90 -8.17
CA GLY B 72 16.53 13.50 -6.86
C GLY B 72 15.23 14.08 -6.36
N LEU B 73 15.32 15.17 -5.62
CA LEU B 73 14.18 15.80 -4.99
C LEU B 73 13.33 16.60 -6.00
N LEU B 74 12.05 16.26 -6.14
CA LEU B 74 11.21 16.96 -7.12
C LEU B 74 11.17 18.47 -6.88
N VAL B 75 11.06 18.92 -5.64
CA VAL B 75 10.97 20.35 -5.40
C VAL B 75 12.24 21.09 -5.80
N ASP B 76 13.39 20.41 -5.83
CA ASP B 76 14.59 21.07 -6.35
C ASP B 76 14.46 21.28 -7.85
N PHE B 77 13.99 20.27 -8.56
CA PHE B 77 13.72 20.37 -10.01
C PHE B 77 12.77 21.55 -10.29
N VAL B 78 11.71 21.66 -9.50
CA VAL B 78 10.71 22.71 -9.72
C VAL B 78 11.30 24.10 -9.49
N ARG B 79 11.98 24.28 -8.37
CA ARG B 79 12.53 25.63 -8.05
C ARG B 79 13.68 26.01 -8.97
N GLU B 80 14.45 25.05 -9.44
CA GLU B 80 15.57 25.34 -10.34
C GLU B 80 15.06 25.95 -11.64
N ARG B 81 13.80 25.72 -11.94
CA ARG B 81 13.21 26.23 -13.17
C ARG B 81 12.33 27.45 -12.94
N GLY B 82 12.46 28.04 -11.76
CA GLY B 82 11.76 29.26 -11.41
C GLY B 82 10.27 29.09 -11.17
N LEU B 83 9.86 27.86 -10.86
CA LEU B 83 8.46 27.55 -10.64
C LEU B 83 8.24 27.15 -9.19
N ASN B 84 6.99 27.07 -8.78
CA ASN B 84 6.70 26.58 -7.43
CA ASN B 84 6.59 26.79 -7.42
C ASN B 84 5.31 25.96 -7.34
N ALA B 85 4.96 25.25 -8.41
CA ALA B 85 3.73 24.48 -8.45
C ALA B 85 3.92 23.15 -9.15
N ILE B 86 3.28 22.13 -8.59
CA ILE B 86 3.21 20.78 -9.15
C ILE B 86 1.75 20.50 -9.50
N VAL B 87 1.50 19.85 -10.65
CA VAL B 87 0.16 19.42 -10.99
C VAL B 87 0.17 17.91 -11.19
N LYS B 88 -0.73 17.24 -10.47
CA LYS B 88 -0.79 15.77 -10.47
C LYS B 88 -2.21 15.28 -10.65
N GLY B 89 -2.40 14.17 -11.36
CA GLY B 89 -3.73 13.61 -11.52
C GLY B 89 -4.06 12.66 -10.38
N LEU B 90 -5.33 12.57 -10.06
CA LEU B 90 -5.79 11.70 -8.96
C LEU B 90 -6.97 10.84 -9.37
N ARG B 91 -7.01 9.61 -8.88
CA ARG B 91 -8.12 8.73 -9.23
C ARG B 91 -9.01 8.44 -8.02
N THR B 92 -8.41 8.19 -6.87
CA THR B 92 -9.19 7.77 -5.70
C THR B 92 -8.90 8.58 -4.44
N GLY B 93 -9.76 8.36 -3.43
CA GLY B 93 -9.55 8.95 -2.11
C GLY B 93 -8.28 8.44 -1.46
N THR B 94 -7.94 7.17 -1.71
CA THR B 94 -6.69 6.60 -1.20
C THR B 94 -5.51 7.30 -1.85
N ASP B 95 -5.62 7.55 -3.16
CA ASP B 95 -4.65 8.37 -3.88
C ASP B 95 -4.47 9.70 -3.21
N PHE B 96 -5.56 10.31 -2.81
CA PHE B 96 -5.48 11.66 -2.22
C PHE B 96 -4.68 11.64 -0.89
N GLU B 97 -4.83 10.57 -0.09
CA GLU B 97 -4.22 10.45 1.29
C GLU B 97 -2.68 10.32 1.25
N TYR B 98 -2.13 9.51 0.37
CA TYR B 98 -0.67 9.39 0.30
C TYR B 98 -0.07 10.59 -0.45
N GLU B 99 -0.75 11.01 -1.50
CA GLU B 99 -0.31 12.21 -2.22
C GLU B 99 -0.43 13.44 -1.34
N LEU B 100 -1.40 13.45 -0.43
CA LEU B 100 -1.57 14.56 0.51
C LEU B 100 -0.35 14.72 1.40
N GLN B 101 0.13 13.61 1.92
CA GLN B 101 1.32 13.61 2.76
C GLN B 101 2.49 14.23 1.99
N MET B 102 2.68 13.77 0.76
CA MET B 102 3.75 14.29 -0.09
C MET B 102 3.61 15.79 -0.39
N ALA B 103 2.40 16.23 -0.67
CA ALA B 103 2.17 17.64 -0.97
C ALA B 103 2.48 18.54 0.21
N GLN B 104 2.04 18.10 1.40
CA GLN B 104 2.31 18.87 2.60
C GLN B 104 3.80 18.90 2.92
N MET B 105 4.46 17.78 2.69
CA MET B 105 5.91 17.74 2.86
C MET B 105 6.62 18.66 1.90
N ASN B 106 6.23 18.63 0.62
CA ASN B 106 6.85 19.48 -0.39
C ASN B 106 6.60 20.97 -0.13
N LYS B 107 5.43 21.30 0.39
CA LYS B 107 5.13 22.68 0.76
C LYS B 107 5.99 23.11 1.95
N HIS B 108 6.15 22.20 2.92
CA HIS B 108 6.92 22.50 4.11
C HIS B 108 8.41 22.72 3.81
N ILE B 109 9.00 21.86 3.00
CA ILE B 109 10.45 21.89 2.79
C ILE B 109 10.90 22.89 1.73
N ALA B 110 10.00 23.34 0.84
CA ALA B 110 10.42 24.18 -0.28
C ALA B 110 9.40 25.22 -0.72
N GLY B 111 8.25 25.27 -0.08
CA GLY B 111 7.25 26.28 -0.42
C GLY B 111 6.57 26.03 -1.77
N VAL B 112 6.71 24.81 -2.27
CA VAL B 112 6.12 24.42 -3.55
C VAL B 112 4.73 23.86 -3.33
N ASP B 113 3.77 24.37 -4.09
CA ASP B 113 2.36 23.99 -3.95
C ASP B 113 2.01 22.88 -4.92
N THR B 114 0.96 22.14 -4.61
CA THR B 114 0.54 21.02 -5.45
C THR B 114 -0.95 21.16 -5.75
N PHE B 115 -1.27 21.09 -7.04
CA PHE B 115 -2.66 21.13 -7.48
C PHE B 115 -3.04 19.77 -8.06
N PHE B 116 -4.12 19.20 -7.57
CA PHE B 116 -4.58 17.89 -8.01
C PHE B 116 -5.78 18.00 -8.92
N VAL B 117 -5.82 17.16 -9.95
CA VAL B 117 -6.97 17.13 -10.84
C VAL B 117 -7.48 15.72 -11.02
N ALA B 118 -8.80 15.57 -10.96
CA ALA B 118 -9.44 14.28 -11.14
C ALA B 118 -9.32 13.82 -12.58
N THR B 119 -8.88 12.58 -12.77
CA THR B 119 -8.79 11.98 -14.09
C THR B 119 -10.15 11.99 -14.78
N ALA B 120 -10.17 12.08 -16.11
CA ALA B 120 -11.43 11.92 -16.82
C ALA B 120 -11.97 10.54 -16.48
N PRO B 121 -13.30 10.40 -16.37
CA PRO B 121 -13.87 9.09 -16.02
C PRO B 121 -13.36 7.93 -16.88
N ALA B 122 -13.19 8.16 -18.18
CA ALA B 122 -12.82 7.12 -19.13
C ALA B 122 -11.43 6.53 -18.89
N TYR B 123 -10.58 7.28 -18.19
CA TYR B 123 -9.20 6.84 -17.94
C TYR B 123 -8.94 6.61 -16.46
N SER B 124 -9.99 6.47 -15.68
CA SER B 124 -9.85 6.39 -14.24
C SER B 124 -9.19 5.07 -13.81
N PHE B 125 -9.22 4.06 -14.68
CA PHE B 125 -8.69 2.74 -14.32
C PHE B 125 -7.39 2.40 -15.04
N VAL B 126 -6.84 3.27 -15.86
CA VAL B 126 -5.59 2.94 -16.55
C VAL B 126 -4.42 3.46 -15.71
N SER B 127 -3.39 2.71 -15.72
CA SER B 127 -2.12 3.10 -15.14
C SER B 127 -1.05 2.48 -16.02
N SER B 128 0.16 3.03 -15.99
CA SER B 128 1.26 2.44 -16.75
C SER B 128 1.48 0.98 -16.37
N SER B 129 1.49 0.69 -15.08
CA SER B 129 1.78 -0.66 -14.59
CA SER B 129 1.81 -0.67 -14.62
C SER B 129 0.73 -1.66 -15.04
N LEU B 130 -0.55 -1.31 -14.87
CA LEU B 130 -1.61 -2.23 -15.26
C LEU B 130 -1.69 -2.40 -16.78
N ALA B 131 -1.46 -1.33 -17.54
CA ALA B 131 -1.45 -1.45 -19.00
C ALA B 131 -0.37 -2.42 -19.49
N LYS B 132 0.82 -2.31 -18.93
CA LYS B 132 1.91 -3.20 -19.30
C LYS B 132 1.57 -4.65 -18.96
N GLU B 133 1.00 -4.86 -17.79
CA GLU B 133 0.69 -6.22 -17.32
C GLU B 133 -0.34 -6.86 -18.23
N VAL B 134 -1.38 -6.11 -18.56
CA VAL B 134 -2.43 -6.59 -19.44
C VAL B 134 -1.88 -6.87 -20.83
N ALA B 135 -1.05 -5.97 -21.34
CA ALA B 135 -0.50 -6.12 -22.68
C ALA B 135 0.40 -7.34 -22.77
N THR B 136 1.16 -7.58 -21.71
CA THR B 136 2.11 -8.70 -21.66
C THR B 136 1.41 -10.04 -21.94
N TYR B 137 0.16 -10.16 -21.50
CA TYR B 137 -0.58 -11.39 -21.69
C TYR B 137 -1.59 -11.30 -22.83
N GLY B 138 -1.41 -10.30 -23.69
CA GLY B 138 -2.18 -10.23 -24.92
C GLY B 138 -3.52 -9.53 -24.81
N GLY B 139 -3.71 -8.79 -23.72
CA GLY B 139 -4.91 -7.99 -23.58
C GLY B 139 -4.82 -6.72 -24.42
N ASP B 140 -5.96 -6.19 -24.83
CA ASP B 140 -6.00 -5.04 -25.73
C ASP B 140 -6.16 -3.73 -24.96
N VAL B 141 -5.07 -2.97 -24.87
CA VAL B 141 -5.10 -1.70 -24.14
C VAL B 141 -4.96 -0.51 -25.08
N SER B 142 -5.23 -0.75 -26.36
CA SER B 142 -5.06 0.29 -27.38
C SER B 142 -5.96 1.52 -27.18
N ALA B 143 -7.09 1.34 -26.48
CA ALA B 143 -7.99 2.47 -26.26
C ALA B 143 -7.56 3.33 -25.06
N LEU B 144 -6.49 2.91 -24.39
CA LEU B 144 -6.06 3.54 -23.14
C LEU B 144 -4.72 4.24 -23.28
N LEU B 145 -4.13 4.11 -24.46
CA LEU B 145 -2.80 4.65 -24.72
C LEU B 145 -2.82 5.50 -25.99
N PRO B 146 -1.93 6.49 -26.07
CA PRO B 146 -1.74 7.18 -27.35
C PRO B 146 -1.36 6.17 -28.43
N ALA B 147 -1.72 6.45 -29.68
CA ALA B 147 -1.52 5.51 -30.77
C ALA B 147 -0.07 5.06 -30.92
N SER B 148 0.85 6.01 -30.80
CA SER B 148 2.26 5.72 -31.01
C SER B 148 2.83 4.88 -29.86
N VAL B 149 2.34 5.13 -28.64
CA VAL B 149 2.77 4.34 -27.50
C VAL B 149 2.38 2.89 -27.68
N HIS B 150 1.15 2.66 -28.13
CA HIS B 150 0.66 1.30 -28.33
C HIS B 150 1.55 0.54 -29.31
N GLN B 151 1.93 1.22 -30.40
CA GLN B 151 2.83 0.63 -31.40
C GLN B 151 4.17 0.24 -30.79
N ARG B 152 4.78 1.16 -30.05
CA ARG B 152 6.06 0.90 -29.38
C ARG B 152 5.99 -0.20 -28.34
N LEU B 153 4.86 -0.30 -27.64
CA LEU B 153 4.69 -1.27 -26.59
C LEU B 153 4.65 -2.68 -27.16
N LEU B 154 3.96 -2.85 -28.27
CA LEU B 154 3.91 -4.13 -28.98
C LEU B 154 5.30 -4.59 -29.40
N GLY B 155 6.13 -3.65 -29.84
CA GLY B 155 7.47 -3.96 -30.27
C GLY B 155 8.33 -4.50 -29.15
N LYS B 156 8.25 -3.87 -27.97
CA LYS B 156 9.06 -4.24 -26.78
C LYS B 156 8.63 -5.60 -26.24
N LEU B 157 7.41 -6.01 -26.55
CA LEU B 157 6.88 -7.26 -26.02
C LEU B 157 7.36 -8.50 -26.81
N ARG B 158 7.63 -8.31 -28.10
CA ARG B 158 8.05 -9.43 -28.95
C ARG B 158 9.39 -10.03 -28.51
N MET C 2 -27.95 -21.34 -16.86
CA MET C 2 -26.54 -21.76 -16.81
C MET C 2 -25.64 -20.65 -16.28
N THR C 3 -25.88 -20.22 -15.05
CA THR C 3 -25.12 -19.10 -14.50
C THR C 3 -23.83 -19.58 -13.85
N GLY C 4 -22.88 -18.68 -13.65
CA GLY C 4 -21.62 -19.08 -13.05
C GLY C 4 -20.69 -17.95 -12.72
N ALA C 5 -19.79 -18.19 -11.78
CA ALA C 5 -18.83 -17.19 -11.36
C ALA C 5 -17.50 -17.84 -10.99
N VAL C 6 -16.43 -17.06 -11.09
CA VAL C 6 -15.09 -17.49 -10.71
C VAL C 6 -14.65 -16.71 -9.48
N CYS C 7 -14.13 -17.44 -8.49
CA CYS C 7 -13.56 -16.84 -7.26
C CYS C 7 -12.04 -16.98 -7.26
N PRO C 8 -11.32 -15.89 -7.52
CA PRO C 8 -9.87 -15.98 -7.70
C PRO C 8 -9.06 -15.69 -6.46
N GLY C 9 -7.83 -16.21 -6.42
CA GLY C 9 -6.91 -15.87 -5.35
C GLY C 9 -5.67 -16.73 -5.38
N SER C 10 -4.75 -16.46 -4.46
CA SER C 10 -3.63 -17.37 -4.24
C SER C 10 -3.95 -18.43 -3.18
N PHE C 11 -4.79 -18.07 -2.20
CA PHE C 11 -5.23 -18.98 -1.13
C PHE C 11 -4.08 -19.75 -0.49
N ASP C 12 -3.17 -19.00 0.13
CA ASP C 12 -1.94 -19.57 0.68
C ASP C 12 -1.81 -19.34 2.20
N PRO C 13 -2.64 -19.99 3.02
CA PRO C 13 -3.68 -20.96 2.67
C PRO C 13 -5.06 -20.32 2.61
N VAL C 14 -6.04 -21.11 2.19
CA VAL C 14 -7.42 -20.69 2.25
C VAL C 14 -7.79 -20.45 3.72
N THR C 15 -8.53 -19.38 3.97
CA THR C 15 -9.04 -19.05 5.30
C THR C 15 -10.55 -19.22 5.38
N LEU C 16 -11.11 -19.07 6.58
CA LEU C 16 -12.55 -19.11 6.74
C LEU C 16 -13.22 -17.91 6.06
N GLY C 17 -12.48 -16.81 5.89
CA GLY C 17 -13.01 -15.67 5.15
C GLY C 17 -13.23 -16.02 3.70
N HIS C 18 -12.27 -16.73 3.11
CA HIS C 18 -12.43 -17.19 1.73
C HIS C 18 -13.57 -18.19 1.61
N LEU C 19 -13.61 -19.15 2.53
CA LEU C 19 -14.63 -20.18 2.48
C LEU C 19 -16.04 -19.56 2.56
N ASP C 20 -16.18 -18.54 3.39
CA ASP C 20 -17.45 -17.83 3.49
C ASP C 20 -17.85 -17.25 2.13
N VAL C 21 -16.90 -16.62 1.44
CA VAL C 21 -17.19 -16.10 0.11
C VAL C 21 -17.57 -17.22 -0.87
N PHE C 22 -16.83 -18.33 -0.85
CA PHE C 22 -17.15 -19.47 -1.73
C PHE C 22 -18.56 -19.96 -1.52
N GLU C 23 -18.96 -20.09 -0.26
CA GLU C 23 -20.28 -20.61 0.09
C GLU C 23 -21.37 -19.68 -0.40
N ARG C 24 -21.13 -18.37 -0.31
CA ARG C 24 -22.13 -17.40 -0.76
C ARG C 24 -22.22 -17.39 -2.29
N ALA C 25 -21.08 -17.49 -2.96
CA ALA C 25 -21.12 -17.59 -4.41
C ALA C 25 -21.84 -18.85 -4.85
N ALA C 26 -21.53 -19.96 -4.19
CA ALA C 26 -22.15 -21.25 -4.55
C ALA C 26 -23.66 -21.23 -4.34
N ALA C 27 -24.12 -20.41 -3.40
CA ALA C 27 -25.55 -20.30 -3.12
C ALA C 27 -26.30 -19.47 -4.17
N GLN C 28 -25.57 -18.68 -4.94
CA GLN C 28 -26.22 -17.70 -5.83
C GLN C 28 -25.95 -17.89 -7.32
N PHE C 29 -25.04 -18.80 -7.65
CA PHE C 29 -24.69 -19.11 -9.05
C PHE C 29 -24.76 -20.61 -9.22
N ASP C 30 -25.11 -21.06 -10.42
CA ASP C 30 -25.26 -22.51 -10.65
C ASP C 30 -23.92 -23.23 -10.56
N GLU C 31 -22.85 -22.54 -10.94
CA GLU C 31 -21.52 -23.11 -11.07
C GLU C 31 -20.51 -22.12 -10.50
N VAL C 32 -19.61 -22.59 -9.64
CA VAL C 32 -18.54 -21.75 -9.13
C VAL C 32 -17.21 -22.44 -9.37
N ILE C 33 -16.24 -21.67 -9.86
CA ILE C 33 -14.88 -22.18 -10.01
C ILE C 33 -13.94 -21.36 -9.16
N VAL C 34 -13.26 -22.02 -8.23
CA VAL C 34 -12.22 -21.35 -7.47
C VAL C 34 -10.94 -21.40 -8.29
N ALA C 35 -10.41 -20.23 -8.63
CA ALA C 35 -9.23 -20.11 -9.47
C ALA C 35 -8.00 -19.82 -8.64
N VAL C 36 -7.09 -20.77 -8.61
CA VAL C 36 -5.89 -20.70 -7.78
C VAL C 36 -4.70 -20.26 -8.60
N LEU C 37 -4.14 -19.12 -8.25
CA LEU C 37 -3.05 -18.56 -9.02
C LEU C 37 -1.76 -19.37 -8.89
N ILE C 38 -1.14 -19.65 -10.02
CA ILE C 38 0.23 -20.16 -10.06
C ILE C 38 1.15 -18.98 -10.30
N ASN C 39 1.98 -18.66 -9.31
CA ASN C 39 2.74 -17.41 -9.36
C ASN C 39 4.25 -17.62 -9.28
N ALA C 43 6.61 -16.58 -4.27
CA ALA C 43 7.28 -17.10 -3.08
C ALA C 43 6.28 -17.40 -1.96
N GLY C 44 5.66 -18.58 -2.02
CA GLY C 44 4.60 -18.93 -1.09
C GLY C 44 4.95 -20.03 -0.10
N MET C 45 4.02 -20.33 0.79
CA MET C 45 4.21 -21.36 1.80
C MET C 45 3.77 -22.74 1.33
N PHE C 46 2.63 -22.80 0.65
CA PHE C 46 2.10 -24.06 0.14
C PHE C 46 2.21 -24.15 -1.37
N THR C 47 2.49 -25.35 -1.88
CA THR C 47 2.48 -25.57 -3.33
C THR C 47 1.07 -25.44 -3.87
N VAL C 48 0.95 -25.26 -5.19
CA VAL C 48 -0.35 -25.14 -5.81
C VAL C 48 -1.21 -26.37 -5.55
N ASP C 49 -0.60 -27.54 -5.62
CA ASP C 49 -1.33 -28.77 -5.34
C ASP C 49 -1.85 -28.81 -3.90
N GLU C 50 -1.05 -28.36 -2.95
CA GLU C 50 -1.47 -28.34 -1.56
C GLU C 50 -2.63 -27.36 -1.37
N ARG C 51 -2.54 -26.22 -2.04
CA ARG C 51 -3.55 -25.18 -1.91
C ARG C 51 -4.88 -25.68 -2.48
N ILE C 52 -4.81 -26.37 -3.61
CA ILE C 52 -6.00 -26.93 -4.22
C ILE C 52 -6.64 -27.97 -3.31
N GLU C 53 -5.83 -28.90 -2.80
CA GLU C 53 -6.34 -29.94 -1.92
C GLU C 53 -7.02 -29.36 -0.66
N MET C 54 -6.41 -28.32 -0.09
CA MET C 54 -6.97 -27.71 1.12
C MET C 54 -8.32 -27.06 0.82
N ILE C 55 -8.46 -26.45 -0.36
CA ILE C 55 -9.74 -25.88 -0.74
C ILE C 55 -10.77 -26.97 -1.01
N ARG C 56 -10.36 -28.02 -1.74
CA ARG C 56 -11.27 -29.12 -2.02
C ARG C 56 -11.75 -29.78 -0.73
N GLU C 57 -10.84 -29.98 0.23
CA GLU C 57 -11.20 -30.54 1.54
C GLU C 57 -12.26 -29.70 2.25
N SER C 58 -12.12 -28.38 2.15
CA SER C 58 -12.98 -27.47 2.91
C SER C 58 -14.30 -27.16 2.22
N THR C 59 -14.42 -27.56 0.95
CA THR C 59 -15.63 -27.25 0.18
C THR C 59 -16.38 -28.51 -0.25
N ALA C 60 -16.23 -29.58 0.52
CA ALA C 60 -16.83 -30.86 0.14
C ALA C 60 -18.35 -30.80 0.10
N ASP C 61 -18.94 -29.91 0.90
CA ASP C 61 -20.38 -29.80 0.99
C ASP C 61 -20.97 -28.84 -0.05
N LEU C 62 -20.13 -28.38 -0.97
CA LEU C 62 -20.58 -27.49 -2.05
C LEU C 62 -20.51 -28.21 -3.39
N PRO C 63 -21.59 -28.92 -3.78
CA PRO C 63 -21.57 -29.78 -4.95
C PRO C 63 -21.35 -29.04 -6.27
N ASN C 64 -21.67 -27.75 -6.30
CA ASN C 64 -21.54 -27.00 -7.54
C ASN C 64 -20.27 -26.16 -7.62
N LEU C 65 -19.29 -26.48 -6.80
CA LEU C 65 -18.02 -25.76 -6.78
C LEU C 65 -16.88 -26.68 -7.19
N ARG C 66 -16.03 -26.20 -8.10
CA ARG C 66 -14.80 -26.93 -8.41
C ARG C 66 -13.59 -26.02 -8.27
N VAL C 67 -12.41 -26.62 -8.19
CA VAL C 67 -11.17 -25.90 -7.93
C VAL C 67 -10.16 -26.18 -9.03
N GLU C 68 -9.64 -25.13 -9.63
CA GLU C 68 -8.69 -25.26 -10.73
C GLU C 68 -7.60 -24.20 -10.62
N SER C 69 -6.42 -24.52 -11.10
CA SER C 69 -5.29 -23.61 -11.08
C SER C 69 -5.11 -22.93 -12.43
N GLY C 70 -4.39 -21.81 -12.46
CA GLY C 70 -4.08 -21.15 -13.70
C GLY C 70 -3.13 -19.99 -13.50
N GLN C 71 -2.77 -19.36 -14.61
CA GLN C 71 -1.94 -18.16 -14.58
C GLN C 71 -2.26 -17.27 -15.77
N GLY C 72 -1.58 -16.13 -15.86
CA GLY C 72 -1.87 -15.16 -16.90
C GLY C 72 -3.04 -14.27 -16.49
N LEU C 73 -3.80 -13.81 -17.48
CA LEU C 73 -4.93 -12.93 -17.18
C LEU C 73 -6.11 -13.70 -16.62
N LEU C 74 -6.63 -13.24 -15.48
CA LEU C 74 -7.81 -13.85 -14.90
C LEU C 74 -8.98 -13.86 -15.90
N VAL C 75 -9.13 -12.82 -16.70
CA VAL C 75 -10.27 -12.79 -17.61
C VAL C 75 -10.20 -13.90 -18.68
N ASP C 76 -8.99 -14.31 -19.05
CA ASP C 76 -8.86 -15.41 -19.99
C ASP C 76 -9.27 -16.72 -19.32
N PHE C 77 -8.88 -16.90 -18.07
CA PHE C 77 -9.29 -18.06 -17.30
C PHE C 77 -10.82 -18.13 -17.24
N VAL C 78 -11.44 -16.99 -16.97
CA VAL C 78 -12.89 -16.91 -16.85
C VAL C 78 -13.58 -17.23 -18.17
N ARG C 79 -13.18 -16.52 -19.22
CA ARG C 79 -13.83 -16.66 -20.55
C ARG C 79 -13.62 -18.05 -21.17
N GLU C 80 -12.47 -18.66 -20.91
CA GLU C 80 -12.18 -19.97 -21.50
C GLU C 80 -13.04 -21.07 -20.89
N ARG C 81 -13.74 -20.73 -19.81
CA ARG C 81 -14.65 -21.65 -19.16
C ARG C 81 -16.10 -21.30 -19.40
N GLY C 82 -16.32 -20.37 -20.31
CA GLY C 82 -17.65 -19.99 -20.74
C GLY C 82 -18.37 -19.01 -19.84
N LEU C 83 -17.65 -18.43 -18.88
CA LEU C 83 -18.26 -17.54 -17.92
C LEU C 83 -17.82 -16.11 -18.13
N ASN C 84 -18.48 -15.16 -17.46
CA ASN C 84 -17.99 -13.78 -17.50
C ASN C 84 -18.33 -13.00 -16.24
N ALA C 85 -18.24 -13.70 -15.10
CA ALA C 85 -18.34 -13.05 -13.79
C ALA C 85 -17.27 -13.54 -12.85
N ILE C 86 -16.76 -12.61 -12.06
CA ILE C 86 -15.83 -12.83 -10.97
C ILE C 86 -16.55 -12.47 -9.67
N VAL C 87 -16.36 -13.27 -8.64
CA VAL C 87 -16.90 -12.93 -7.29
C VAL C 87 -15.71 -12.78 -6.34
N LYS C 88 -15.60 -11.64 -5.67
CA LYS C 88 -14.45 -11.37 -4.81
C LYS C 88 -14.93 -10.83 -3.47
N GLY C 89 -14.33 -11.29 -2.37
CA GLY C 89 -14.69 -10.78 -1.07
C GLY C 89 -13.96 -9.47 -0.74
N LEU C 90 -14.59 -8.59 0.02
CA LEU C 90 -14.01 -7.25 0.35
C LEU C 90 -14.17 -6.97 1.83
N ARG C 91 -13.16 -6.34 2.42
CA ARG C 91 -13.18 -5.98 3.86
C ARG C 91 -13.33 -4.47 4.04
N THR C 92 -12.66 -3.68 3.21
CA THR C 92 -12.63 -2.23 3.45
C THR C 92 -12.84 -1.42 2.17
N GLY C 93 -13.02 -0.12 2.35
CA GLY C 93 -13.18 0.80 1.25
C GLY C 93 -11.86 0.96 0.51
N THR C 94 -10.76 0.79 1.24
CA THR C 94 -9.44 0.78 0.64
C THR C 94 -9.35 -0.39 -0.33
N ASP C 95 -9.84 -1.55 0.09
CA ASP C 95 -9.93 -2.69 -0.82
C ASP C 95 -10.80 -2.39 -2.02
N PHE C 96 -11.89 -1.69 -1.78
CA PHE C 96 -12.81 -1.43 -2.89
C PHE C 96 -12.11 -0.63 -4.00
N GLU C 97 -11.37 0.43 -3.65
CA GLU C 97 -10.74 1.33 -4.66
C GLU C 97 -9.67 0.62 -5.52
N TYR C 98 -8.87 -0.25 -4.95
CA TYR C 98 -7.82 -0.94 -5.75
C TYR C 98 -8.44 -2.03 -6.66
N GLU C 99 -9.30 -2.81 -6.06
CA GLU C 99 -10.08 -3.83 -6.76
C GLU C 99 -10.99 -3.20 -7.80
N LEU C 100 -11.43 -1.97 -7.53
CA LEU C 100 -12.26 -1.22 -8.48
C LEU C 100 -11.53 -0.99 -9.78
N GLN C 101 -10.26 -0.59 -9.70
CA GLN C 101 -9.47 -0.35 -10.90
C GLN C 101 -9.39 -1.64 -11.72
N MET C 102 -9.12 -2.74 -11.06
CA MET C 102 -9.01 -4.03 -11.72
C MET C 102 -10.32 -4.47 -12.34
N ALA C 103 -11.41 -4.27 -11.62
CA ALA C 103 -12.72 -4.65 -12.14
C ALA C 103 -13.03 -3.87 -13.40
N GLN C 104 -12.77 -2.57 -13.38
CA GLN C 104 -13.06 -1.78 -14.56
C GLN C 104 -12.16 -2.15 -15.73
N MET C 105 -10.90 -2.46 -15.46
CA MET C 105 -10.02 -2.93 -16.53
C MET C 105 -10.50 -4.25 -17.10
N ASN C 106 -10.88 -5.19 -16.23
CA ASN C 106 -11.32 -6.50 -16.68
C ASN C 106 -12.60 -6.42 -17.52
N LYS C 107 -13.49 -5.51 -17.15
CA LYS C 107 -14.71 -5.28 -17.91
C LYS C 107 -14.34 -4.71 -19.29
N HIS C 108 -13.41 -3.77 -19.29
CA HIS C 108 -12.97 -3.11 -20.53
C HIS C 108 -12.35 -4.09 -21.51
N ILE C 109 -11.44 -4.95 -21.04
CA ILE C 109 -10.68 -5.79 -21.97
C ILE C 109 -11.38 -7.08 -22.36
N ALA C 110 -12.37 -7.52 -21.59
CA ALA C 110 -12.93 -8.86 -21.82
C ALA C 110 -14.43 -8.96 -21.55
N GLY C 111 -15.04 -7.87 -21.12
CA GLY C 111 -16.46 -7.83 -20.81
C GLY C 111 -16.85 -8.65 -19.60
N VAL C 112 -15.86 -8.97 -18.76
CA VAL C 112 -16.08 -9.78 -17.56
C VAL C 112 -16.49 -8.88 -16.41
N ASP C 113 -17.60 -9.22 -15.77
CA ASP C 113 -18.07 -8.42 -14.65
CA ASP C 113 -18.13 -8.46 -14.63
C ASP C 113 -17.51 -8.92 -13.33
N THR C 114 -17.47 -8.02 -12.34
CA THR C 114 -17.01 -8.39 -11.00
C THR C 114 -18.05 -8.03 -9.96
N PHE C 115 -18.41 -9.00 -9.14
CA PHE C 115 -19.31 -8.81 -8.03
C PHE C 115 -18.54 -8.90 -6.72
N PHE C 116 -18.68 -7.90 -5.88
CA PHE C 116 -17.97 -7.89 -4.61
C PHE C 116 -18.93 -8.25 -3.49
N VAL C 117 -18.45 -9.03 -2.53
CA VAL C 117 -19.28 -9.34 -1.39
C VAL C 117 -18.56 -9.01 -0.08
N ALA C 118 -19.30 -8.37 0.81
CA ALA C 118 -18.79 -7.96 2.10
C ALA C 118 -18.42 -9.15 2.94
N THR C 119 -17.25 -9.05 3.54
CA THR C 119 -16.77 -10.02 4.49
C THR C 119 -17.80 -10.28 5.61
N ALA C 120 -17.91 -11.54 6.05
CA ALA C 120 -18.65 -11.81 7.29
C ALA C 120 -17.91 -11.06 8.40
N PRO C 121 -18.67 -10.44 9.34
CA PRO C 121 -17.99 -9.66 10.39
C PRO C 121 -16.93 -10.44 11.15
N ALA C 122 -17.19 -11.70 11.46
CA ALA C 122 -16.27 -12.52 12.26
C ALA C 122 -14.93 -12.75 11.59
N TYR C 123 -14.87 -12.55 10.27
CA TYR C 123 -13.63 -12.78 9.54
C TYR C 123 -13.07 -11.51 8.95
N SER C 124 -13.50 -10.37 9.46
CA SER C 124 -13.11 -9.09 8.89
C SER C 124 -11.60 -8.89 8.96
N PHE C 125 -10.95 -9.49 9.96
CA PHE C 125 -9.51 -9.23 10.18
C PHE C 125 -8.62 -10.39 9.78
N VAL C 126 -9.17 -11.42 9.16
CA VAL C 126 -8.27 -12.54 8.82
C VAL C 126 -7.84 -12.45 7.35
N SER C 127 -6.57 -12.70 7.14
CA SER C 127 -5.96 -12.78 5.80
C SER C 127 -4.95 -13.93 5.83
N SER C 128 -4.66 -14.51 4.68
CA SER C 128 -3.68 -15.63 4.63
C SER C 128 -2.38 -15.13 5.23
N SER C 129 -1.98 -13.96 4.80
CA SER C 129 -0.76 -13.31 5.33
CA SER C 129 -0.71 -13.38 5.33
C SER C 129 -0.54 -13.14 6.88
N LEU C 130 -1.58 -12.49 7.43
CA LEU C 130 -1.56 -12.23 8.88
C LEU C 130 -1.73 -13.56 9.61
N ALA C 131 -2.51 -14.48 9.10
CA ALA C 131 -2.65 -15.76 9.79
C ALA C 131 -1.31 -16.50 9.84
N LYS C 132 -0.59 -16.52 8.73
CA LYS C 132 0.72 -17.18 8.66
C LYS C 132 1.68 -16.51 9.62
N GLU C 133 1.69 -15.18 9.60
CA GLU C 133 2.60 -14.39 10.43
C GLU C 133 2.37 -14.64 11.92
N VAL C 134 1.11 -14.55 12.34
CA VAL C 134 0.76 -14.79 13.73
C VAL C 134 1.07 -16.23 14.15
N ALA C 135 0.74 -17.20 13.30
CA ALA C 135 1.00 -18.60 13.63
C ALA C 135 2.50 -18.86 13.79
N THR C 136 3.30 -18.18 12.98
CA THR C 136 4.76 -18.37 12.97
C THR C 136 5.37 -18.00 14.31
N TYR C 137 4.81 -16.97 14.96
CA TYR C 137 5.31 -16.54 16.26
C TYR C 137 4.50 -17.16 17.41
N GLY C 138 3.69 -18.16 17.11
CA GLY C 138 3.01 -18.92 18.15
C GLY C 138 1.60 -18.54 18.51
N GLY C 139 1.00 -17.59 17.78
CA GLY C 139 -0.37 -17.20 18.06
C GLY C 139 -1.39 -18.21 17.58
N ASP C 140 -2.51 -18.30 18.29
CA ASP C 140 -3.55 -19.27 18.01
C ASP C 140 -4.52 -18.76 16.94
N VAL C 141 -4.44 -19.34 15.74
CA VAL C 141 -5.32 -18.93 14.64
C VAL C 141 -6.31 -20.02 14.27
N SER C 142 -6.48 -21.00 15.18
CA SER C 142 -7.31 -22.17 14.87
C SER C 142 -8.76 -21.80 14.55
N ALA C 143 -9.24 -20.67 15.08
CA ALA C 143 -10.62 -20.27 14.89
C ALA C 143 -10.83 -19.52 13.57
N LEU C 144 -9.74 -19.29 12.84
CA LEU C 144 -9.78 -18.45 11.63
C LEU C 144 -9.58 -19.26 10.35
N LEU C 145 -9.29 -20.56 10.51
CA LEU C 145 -8.95 -21.43 9.40
C LEU C 145 -9.77 -22.72 9.49
N PRO C 146 -10.04 -23.34 8.33
CA PRO C 146 -10.67 -24.66 8.36
C PRO C 146 -9.82 -25.63 9.17
N ALA C 147 -10.42 -26.56 9.91
CA ALA C 147 -9.68 -27.48 10.77
C ALA C 147 -8.57 -28.19 10.01
N SER C 148 -8.93 -28.70 8.83
CA SER C 148 -8.00 -29.18 7.82
C SER C 148 -6.74 -28.34 7.75
N VAL C 149 -6.89 -27.15 7.16
CA VAL C 149 -5.79 -26.21 6.94
C VAL C 149 -4.93 -25.97 8.18
N HIS C 150 -5.58 -25.76 9.32
CA HIS C 150 -4.87 -25.46 10.56
C HIS C 150 -3.81 -26.52 10.89
N GLN C 151 -4.18 -27.79 10.78
CA GLN C 151 -3.22 -28.84 11.06
C GLN C 151 -2.09 -28.85 10.03
N ARG C 152 -2.43 -28.60 8.76
CA ARG C 152 -1.42 -28.54 7.70
C ARG C 152 -0.43 -27.41 7.93
N LEU C 153 -0.94 -26.27 8.41
CA LEU C 153 -0.08 -25.12 8.71
C LEU C 153 0.91 -25.44 9.82
N LEU C 154 0.42 -26.04 10.90
CA LEU C 154 1.28 -26.44 12.01
C LEU C 154 2.42 -27.31 11.51
N GLY C 155 2.10 -28.21 10.58
CA GLY C 155 3.10 -29.06 9.96
C GLY C 155 4.20 -28.32 9.24
N LYS C 156 3.85 -27.32 8.44
CA LYS C 156 4.84 -26.56 7.69
C LYS C 156 5.78 -25.77 8.59
N LEU C 157 5.28 -25.27 9.71
CA LEU C 157 6.09 -24.46 10.59
C LEU C 157 7.00 -25.32 11.45
N ARG C 158 6.45 -26.42 11.95
CA ARG C 158 7.23 -27.36 12.76
C ARG C 158 7.75 -28.50 11.90
#